data_6NEK
#
_entry.id   6NEK
#
_cell.length_a   53.620
_cell.length_b   60.090
_cell.length_c   73.300
_cell.angle_alpha   90.00
_cell.angle_beta   90.00
_cell.angle_gamma   90.00
#
_symmetry.space_group_name_H-M   'I 2 2 2'
#
loop_
_entity.id
_entity.type
_entity.pdbx_description
1 polymer 'Consensus PDZ domain'
2 non-polymer 1,2-ETHANEDIOL
3 water water
#
_entity_poly.entity_id   1
_entity_poly.type   'polypeptide(L)'
_entity_poly.pdbx_seq_one_letter_code
;MGWEELTVELEKDGEGLGFSLGDGGIFVSSVVPGGPAARAGRLRVGDRILEVNGVSVEGLTLEEAVKLLRSSGTTVTLTV
LRERGGGHHHHHH
;
_entity_poly.pdbx_strand_id   A
#
# COMPACT_ATOMS: atom_id res chain seq x y z
N MET A 1 -6.89 -12.70 5.50
CA MET A 1 -7.24 -12.08 4.19
C MET A 1 -6.17 -12.37 3.12
N GLY A 2 -6.51 -11.93 1.90
CA GLY A 2 -5.53 -12.01 0.84
C GLY A 2 -5.59 -10.90 -0.13
N TRP A 3 -4.63 -10.91 -1.07
CA TRP A 3 -4.44 -9.86 -2.03
C TRP A 3 -4.37 -10.51 -3.39
N GLU A 4 -5.29 -10.10 -4.29
CA GLU A 4 -5.45 -10.69 -5.60
C GLU A 4 -4.96 -9.72 -6.63
N GLU A 5 -4.04 -10.18 -7.50
CA GLU A 5 -3.61 -9.44 -8.67
C GLU A 5 -4.36 -10.00 -9.84
N LEU A 6 -5.09 -9.15 -10.56
CA LEU A 6 -5.81 -9.63 -11.73
C LEU A 6 -5.73 -8.64 -12.88
N THR A 7 -5.96 -9.17 -14.08
CA THR A 7 -6.08 -8.38 -15.32
C THR A 7 -7.55 -8.34 -15.72
N VAL A 8 -7.98 -7.17 -16.15
CA VAL A 8 -9.36 -6.92 -16.56
C VAL A 8 -9.25 -6.20 -17.89
N GLU A 9 -9.80 -6.81 -18.94
N GLU A 9 -9.80 -6.81 -18.94
CA GLU A 9 -9.84 -6.18 -20.25
CA GLU A 9 -9.84 -6.19 -20.26
C GLU A 9 -11.22 -5.56 -20.45
C GLU A 9 -11.21 -5.57 -20.43
N LEU A 10 -11.25 -4.28 -20.78
CA LEU A 10 -12.54 -3.58 -20.99
C LEU A 10 -12.60 -2.99 -22.40
N GLU A 11 -13.75 -3.03 -23.05
CA GLU A 11 -13.97 -2.44 -24.38
C GLU A 11 -14.98 -1.32 -24.18
N LYS A 12 -14.73 -0.13 -24.68
CA LYS A 12 -15.65 1.00 -24.48
C LYS A 12 -17.00 0.75 -25.16
N ASP A 13 -18.09 1.16 -24.53
CA ASP A 13 -19.42 1.18 -25.15
C ASP A 13 -19.76 2.66 -25.40
N GLY A 14 -21.00 3.00 -25.72
CA GLY A 14 -21.42 4.39 -25.98
C GLY A 14 -21.13 5.35 -24.85
N GLU A 15 -20.82 4.89 -23.67
CA GLU A 15 -20.62 5.73 -22.49
C GLU A 15 -19.21 5.53 -21.97
N GLY A 16 -18.33 4.88 -22.76
CA GLY A 16 -16.95 4.64 -22.35
C GLY A 16 -16.64 3.33 -21.63
N LEU A 17 -15.74 3.35 -20.64
CA LEU A 17 -15.29 2.15 -19.98
C LEU A 17 -16.17 1.83 -18.80
N GLY A 18 -16.92 2.81 -18.32
CA GLY A 18 -17.94 2.63 -17.30
C GLY A 18 -17.41 2.46 -15.90
N PHE A 19 -16.37 3.19 -15.55
CA PHE A 19 -15.94 3.32 -14.19
C PHE A 19 -15.19 4.63 -14.07
N SER A 20 -15.02 5.02 -12.83
CA SER A 20 -14.23 6.19 -12.46
C SER A 20 -13.08 5.85 -11.52
N LEU A 21 -12.11 6.77 -11.43
CA LEU A 21 -10.92 6.62 -10.60
C LEU A 21 -10.94 7.65 -9.48
N GLY A 22 -10.38 7.22 -8.34
CA GLY A 22 -10.11 8.11 -7.23
C GLY A 22 -8.66 8.02 -6.79
N ASP A 23 -8.21 9.00 -5.99
CA ASP A 23 -6.86 9.07 -5.42
C ASP A 23 -6.93 8.69 -3.93
N GLY A 24 -6.14 7.68 -3.53
CA GLY A 24 -5.85 7.40 -2.14
C GLY A 24 -5.07 6.12 -2.00
N GLY A 25 -4.68 5.88 -0.77
CA GLY A 25 -3.90 4.75 -0.35
C GLY A 25 -2.66 5.25 0.35
N ILE A 26 -1.86 4.32 0.83
CA ILE A 26 -0.83 4.57 1.82
C ILE A 26 0.49 4.03 1.27
N PHE A 27 1.53 4.85 1.28
CA PHE A 27 2.80 4.39 0.80
C PHE A 27 3.92 4.90 1.70
N VAL A 28 5.08 4.32 1.49
CA VAL A 28 6.25 4.74 2.26
C VAL A 28 6.86 5.96 1.57
N SER A 29 6.74 7.11 2.20
CA SER A 29 7.27 8.31 1.56
C SER A 29 8.73 8.60 1.86
N SER A 30 9.32 8.18 3.00
CA SER A 30 10.73 8.38 3.25
C SER A 30 11.17 7.26 4.18
N VAL A 31 12.46 6.93 4.14
CA VAL A 31 13.12 6.01 5.04
C VAL A 31 14.33 6.73 5.66
N VAL A 32 14.38 6.75 6.98
CA VAL A 32 15.51 7.30 7.73
C VAL A 32 16.79 6.53 7.37
N PRO A 33 17.83 7.20 6.85
CA PRO A 33 19.07 6.48 6.59
C PRO A 33 19.61 5.86 7.86
N GLY A 34 20.07 4.62 7.78
CA GLY A 34 20.68 3.95 8.92
C GLY A 34 19.71 3.42 9.97
N GLY A 35 18.41 3.60 9.77
CA GLY A 35 17.35 3.16 10.69
C GLY A 35 16.82 1.76 10.48
N PRO A 36 15.82 1.40 11.29
CA PRO A 36 15.27 0.03 11.20
C PRO A 36 14.72 -0.32 9.84
N ALA A 37 14.05 0.62 9.21
CA ALA A 37 13.42 0.37 7.93
C ALA A 37 14.42 0.38 6.79
N ALA A 38 15.57 0.98 7.00
CA ALA A 38 16.56 0.99 5.94
C ALA A 38 17.45 -0.23 5.92
N ARG A 39 17.48 -1.01 7.00
CA ARG A 39 18.29 -2.22 7.00
C ARG A 39 17.96 -3.05 5.77
N ALA A 40 18.95 -3.80 5.31
CA ALA A 40 18.76 -4.63 4.14
C ALA A 40 17.54 -5.51 4.31
N GLY A 41 16.80 -5.71 3.22
CA GLY A 41 15.65 -6.56 3.29
C GLY A 41 14.45 -5.97 4.02
N ARG A 42 14.39 -4.65 4.11
CA ARG A 42 13.26 -4.01 4.80
C ARG A 42 12.50 -3.17 3.80
N LEU A 43 12.29 -1.91 4.12
CA LEU A 43 11.39 -1.03 3.34
C LEU A 43 12.16 -0.21 2.32
N ARG A 44 11.44 0.25 1.32
CA ARG A 44 12.00 1.07 0.25
C ARG A 44 11.02 2.19 0.01
N VAL A 45 11.48 3.35 -0.38
CA VAL A 45 10.56 4.47 -0.69
C VAL A 45 9.61 4.03 -1.82
N GLY A 46 8.32 4.35 -1.71
CA GLY A 46 7.35 4.01 -2.74
C GLY A 46 6.63 2.72 -2.43
N ASP A 47 7.05 1.97 -1.41
CA ASP A 47 6.40 0.70 -1.07
C ASP A 47 4.95 1.01 -0.72
N ARG A 48 4.00 0.26 -1.23
CA ARG A 48 2.58 0.48 -0.88
C ARG A 48 2.27 -0.33 0.38
N ILE A 49 1.69 0.27 1.40
CA ILE A 49 1.31 -0.49 2.60
C ILE A 49 -0.02 -1.16 2.30
N LEU A 50 -0.11 -2.45 2.59
CA LEU A 50 -1.31 -3.26 2.45
C LEU A 50 -1.90 -3.54 3.83
N GLU A 51 -1.06 -3.93 4.81
CA GLU A 51 -1.47 -4.30 6.15
C GLU A 51 -0.43 -3.82 7.15
N VAL A 52 -0.91 -3.50 8.34
CA VAL A 52 -0.09 -3.27 9.53
C VAL A 52 -0.53 -4.27 10.58
N ASN A 53 0.38 -5.19 10.95
CA ASN A 53 0.10 -6.23 11.92
C ASN A 53 -1.16 -6.98 11.53
N GLY A 54 -1.30 -7.22 10.23
CA GLY A 54 -2.44 -7.98 9.77
C GLY A 54 -3.72 -7.20 9.57
N VAL A 55 -3.70 -5.90 9.78
CA VAL A 55 -4.87 -5.06 9.67
C VAL A 55 -4.74 -4.33 8.36
N SER A 56 -5.72 -4.52 7.45
CA SER A 56 -5.70 -3.89 6.13
C SER A 56 -5.78 -2.38 6.27
N VAL A 57 -5.09 -1.67 5.40
CA VAL A 57 -5.21 -0.20 5.33
C VAL A 57 -6.17 0.18 4.20
N GLU A 58 -6.87 -0.76 3.60
CA GLU A 58 -7.81 -0.49 2.50
C GLU A 58 -8.87 0.47 3.05
N GLY A 59 -9.11 1.60 2.41
CA GLY A 59 -10.15 2.53 2.83
C GLY A 59 -9.68 3.48 3.91
N LEU A 60 -8.47 3.38 4.43
CA LEU A 60 -8.04 4.27 5.50
C LEU A 60 -7.51 5.58 4.93
N THR A 61 -7.70 6.67 5.64
CA THR A 61 -7.07 7.95 5.32
C THR A 61 -5.64 7.90 5.85
N LEU A 62 -4.81 8.81 5.43
CA LEU A 62 -3.45 8.86 5.95
C LEU A 62 -3.49 8.92 7.49
N GLU A 63 -4.34 9.77 8.05
CA GLU A 63 -4.32 9.89 9.50
C GLU A 63 -4.69 8.56 10.16
N GLU A 64 -5.69 7.86 9.64
CA GLU A 64 -6.05 6.57 10.22
C GLU A 64 -4.86 5.61 10.12
N ALA A 65 -4.13 5.61 8.99
CA ALA A 65 -3.02 4.67 8.84
C ALA A 65 -1.89 5.02 9.81
N VAL A 66 -1.54 6.30 9.90
CA VAL A 66 -0.49 6.73 10.79
C VAL A 66 -0.83 6.42 12.23
N LYS A 67 -2.07 6.65 12.63
CA LYS A 67 -2.44 6.41 14.01
C LYS A 67 -2.57 4.91 14.26
N LEU A 68 -2.95 4.11 13.25
CA LEU A 68 -2.89 2.66 13.37
C LEU A 68 -1.47 2.19 13.60
N LEU A 69 -0.55 2.71 12.81
CA LEU A 69 0.85 2.35 13.04
C LEU A 69 1.34 2.72 14.42
N ARG A 70 1.05 3.94 14.89
CA ARG A 70 1.48 4.37 16.22
C ARG A 70 1.02 3.40 17.28
N SER A 71 -0.13 2.79 17.07
CA SER A 71 -0.78 1.98 18.09
C SER A 71 -0.32 0.55 18.05
N SER A 72 0.59 0.20 17.17
CA SER A 72 0.88 -1.20 16.86
C SER A 72 2.06 -1.78 17.62
N GLY A 73 2.63 -1.05 18.59
CA GLY A 73 3.55 -1.65 19.54
C GLY A 73 4.99 -1.56 19.11
N THR A 74 5.85 -2.22 19.89
CA THR A 74 7.29 -2.10 19.67
C THR A 74 7.78 -2.85 18.45
N THR A 75 7.03 -3.84 17.97
CA THR A 75 7.41 -4.59 16.79
C THR A 75 6.24 -4.46 15.84
N VAL A 76 6.54 -4.14 14.62
CA VAL A 76 5.50 -4.00 13.61
C VAL A 76 5.81 -4.90 12.43
N THR A 77 4.81 -5.59 11.94
CA THR A 77 4.96 -6.34 10.70
C THR A 77 4.10 -5.70 9.63
N LEU A 78 4.73 -5.29 8.54
CA LEU A 78 4.06 -4.60 7.47
C LEU A 78 3.94 -5.59 6.32
N THR A 79 2.79 -5.61 5.68
CA THR A 79 2.63 -6.30 4.41
C THR A 79 2.58 -5.24 3.33
N VAL A 80 3.49 -5.35 2.37
CA VAL A 80 3.68 -4.25 1.42
C VAL A 80 3.67 -4.81 0.00
N LEU A 81 3.42 -3.91 -0.93
CA LEU A 81 3.47 -4.19 -2.37
C LEU A 81 4.57 -3.31 -2.96
N ARG A 82 5.54 -3.88 -3.65
CA ARG A 82 6.68 -3.15 -4.22
C ARG A 82 6.74 -3.42 -5.72
N GLU A 83 6.88 -2.39 -6.55
CA GLU A 83 7.00 -2.55 -8.02
C GLU A 83 8.45 -2.97 -8.32
N ARG A 84 8.66 -4.08 -9.05
CA ARG A 84 10.00 -4.55 -9.40
C ARG A 84 10.13 -4.51 -10.91
N GLY A 85 11.33 -4.31 -11.36
CA GLY A 85 11.67 -4.41 -12.77
C GLY A 85 11.20 -3.25 -13.61
N GLY A 86 11.00 -2.07 -13.02
CA GLY A 86 10.46 -0.91 -13.69
C GLY A 86 11.57 0.02 -14.14
#